data_1XQO
#
_entry.id   1XQO
#
_cell.length_a   70.890
_cell.length_b   97.690
_cell.length_c   36.100
_cell.angle_alpha   90.00
_cell.angle_beta   90.00
_cell.angle_gamma   90.00
#
_symmetry.space_group_name_H-M   'P 21 21 2'
#
loop_
_entity.id
_entity.type
_entity.pdbx_description
1 polymer '8-oxoguanine DNA glycosylase'
2 water water
#
_entity_poly.entity_id   1
_entity_poly.type   'polypeptide(L)'
_entity_poly.pdbx_seq_one_letter_code
;MAAESQLKRVIETLRRLGIEEVLKLERRDPQYRAVCNVVKRHGETVGSRLAMLNALISYRLTGKGEEHWEYFGKYFSQLE
VIDLCRDFLKYIETSPFLKIGVEARKKRALKACDYVPNLEDLGLTLRQLSHIVGARREQKTLVFTIKILNYAYMCSRGVN
RVLPFDIPIPVDYRVARLTWCAGLIDFPPEEALRRYEAVQKIWDAVARETGIPPLHLDTLLWLAGRAVLYGENLHGVPKE
VIALFQWRGGCRPPSE
;
_entity_poly.pdbx_strand_id   A
#
# COMPACT_ATOMS: atom_id res chain seq x y z
N ALA A 2 -9.77 26.03 -7.23
CA ALA A 2 -10.51 24.77 -6.98
C ALA A 2 -9.69 23.82 -6.13
N ALA A 3 -8.41 23.72 -6.44
CA ALA A 3 -7.53 22.78 -5.75
C ALA A 3 -7.41 23.14 -4.27
N GLU A 4 -7.35 24.44 -3.95
CA GLU A 4 -7.21 24.89 -2.56
C GLU A 4 -8.47 24.59 -1.77
N SER A 5 -9.64 24.87 -2.36
CA SER A 5 -10.92 24.62 -1.68
C SER A 5 -11.20 23.13 -1.55
N GLN A 6 -10.86 22.35 -2.56
CA GLN A 6 -10.98 20.90 -2.44
C GLN A 6 -10.06 20.35 -1.38
N LEU A 7 -8.85 20.87 -1.25
CA LEU A 7 -7.94 20.41 -0.22
C LEU A 7 -8.57 20.64 1.16
N LYS A 8 -9.15 21.82 1.35
CA LYS A 8 -9.83 22.15 2.60
C LYS A 8 -10.98 21.21 2.86
N ARG A 9 -11.80 20.95 1.84
CA ARG A 9 -12.92 20.02 2.03
C ARG A 9 -12.44 18.64 2.40
N VAL A 10 -11.42 18.14 1.73
CA VAL A 10 -10.85 16.83 2.03
C VAL A 10 -10.38 16.79 3.47
N ILE A 11 -9.61 17.78 3.88
CA ILE A 11 -9.10 17.78 5.25
C ILE A 11 -10.22 17.79 6.25
N GLU A 12 -11.18 18.67 6.06
CA GLU A 12 -12.23 18.86 7.04
C GLU A 12 -13.24 17.71 7.09
N THR A 13 -13.27 16.89 6.03
CA THR A 13 -14.05 15.68 6.01
C THR A 13 -13.27 14.52 6.63
N LEU A 14 -12.01 14.35 6.26
CA LEU A 14 -11.21 13.27 6.84
C LEU A 14 -10.95 13.51 8.34
N ARG A 15 -11.01 14.75 8.82
CA ARG A 15 -10.94 15.06 10.25
C ARG A 15 -12.04 14.41 11.05
N ARG A 16 -13.10 13.95 10.38
CA ARG A 16 -14.20 13.23 11.04
C ARG A 16 -13.78 11.83 11.48
N LEU A 17 -12.65 11.32 10.96
CA LEU A 17 -12.09 10.01 11.29
C LEU A 17 -10.83 10.17 12.13
N GLY A 18 -10.74 9.38 13.19
CA GLY A 18 -9.52 9.32 14.01
C GLY A 18 -8.51 8.27 13.58
N ILE A 19 -7.24 8.47 13.93
CA ILE A 19 -6.20 7.50 13.55
C ILE A 19 -6.58 6.11 14.11
N GLU A 20 -7.23 6.04 15.30
CA GLU A 20 -7.55 4.70 15.87
C GLU A 20 -8.53 3.98 14.95
N GLU A 21 -9.49 4.69 14.38
CA GLU A 21 -10.43 4.09 13.42
C GLU A 21 -9.73 3.58 12.17
N VAL A 22 -8.70 4.29 11.71
CA VAL A 22 -7.93 3.84 10.55
C VAL A 22 -7.16 2.58 10.83
N LEU A 23 -6.51 2.53 12.02
CA LEU A 23 -5.78 1.34 12.43
C LEU A 23 -6.73 0.16 12.50
N LYS A 24 -7.94 0.36 12.97
CA LYS A 24 -8.90 -0.73 13.00
C LYS A 24 -9.27 -1.21 11.61
N LEU A 25 -9.43 -0.28 10.68
CA LEU A 25 -9.74 -0.64 9.29
C LEU A 25 -8.65 -1.47 8.65
N GLU A 26 -7.40 -1.22 9.04
CA GLU A 26 -6.31 -1.98 8.45
C GLU A 26 -6.41 -3.49 8.67
N ARG A 27 -7.02 -3.89 9.79
CA ARG A 27 -7.23 -5.31 10.01
C ARG A 27 -8.16 -5.95 9.01
N ARG A 28 -8.99 -5.15 8.36
CA ARG A 28 -9.93 -5.65 7.35
C ARG A 28 -9.30 -5.72 5.95
N ASP A 29 -8.16 -5.07 5.76
CA ASP A 29 -7.52 -5.02 4.43
C ASP A 29 -7.10 -6.42 4.03
N PRO A 30 -7.48 -6.92 2.86
CA PRO A 30 -7.03 -8.25 2.46
C PRO A 30 -5.49 -8.36 2.47
N GLN A 31 -4.76 -7.25 2.24
CA GLN A 31 -3.31 -7.28 2.35
C GLN A 31 -2.85 -7.65 3.78
N TYR A 32 -3.52 -7.04 4.77
CA TYR A 32 -3.24 -7.34 6.18
C TYR A 32 -3.55 -8.80 6.49
N ARG A 33 -4.70 -9.28 6.03
CA ARG A 33 -5.10 -10.63 6.32
C ARG A 33 -4.13 -11.65 5.74
N ALA A 34 -3.70 -11.46 4.49
CA ALA A 34 -2.75 -12.38 3.88
C ALA A 34 -1.44 -12.36 4.65
N VAL A 35 -0.91 -11.16 4.91
CA VAL A 35 0.33 -11.03 5.67
C VAL A 35 0.20 -11.73 7.02
N CYS A 36 -0.90 -11.50 7.72
CA CYS A 36 -1.06 -12.04 9.04
C CYS A 36 -1.14 -13.56 9.03
N ASN A 37 -1.84 -14.11 8.04
CA ASN A 37 -1.87 -15.56 7.89
C ASN A 37 -0.48 -16.15 7.69
N VAL A 38 0.35 -15.49 6.89
CA VAL A 38 1.71 -15.97 6.65
C VAL A 38 2.56 -15.81 7.90
N VAL A 39 2.44 -14.69 8.61
CA VAL A 39 3.21 -14.48 9.85
C VAL A 39 2.77 -15.48 10.89
N LYS A 40 1.49 -15.75 11.01
CA LYS A 40 1.07 -16.76 11.99
C LYS A 40 1.63 -18.11 11.65
N ARG A 41 1.69 -18.46 10.38
CA ARG A 41 2.18 -19.77 9.96
C ARG A 41 3.71 -19.88 10.14
N HIS A 42 4.45 -18.83 9.77
CA HIS A 42 5.89 -18.92 9.66
C HIS A 42 6.71 -18.18 10.69
N GLY A 43 6.03 -17.40 11.54
CA GLY A 43 6.68 -16.57 12.53
C GLY A 43 7.07 -15.23 11.96
N GLU A 44 7.50 -14.34 12.84
CA GLU A 44 7.75 -12.97 12.47
C GLU A 44 8.87 -12.84 11.46
N THR A 45 9.98 -13.50 11.67
CA THR A 45 11.13 -13.23 10.84
C THR A 45 10.91 -13.75 9.41
N VAL A 46 10.55 -15.01 9.26
CA VAL A 46 10.31 -15.57 7.94
C VAL A 46 9.08 -14.91 7.32
N GLY A 47 8.01 -14.75 8.09
CA GLY A 47 6.80 -14.16 7.53
C GLY A 47 6.99 -12.75 7.07
N SER A 48 7.72 -11.94 7.86
CA SER A 48 7.99 -10.56 7.42
C SER A 48 8.83 -10.51 6.19
N ARG A 49 9.82 -11.42 6.07
CA ARG A 49 10.64 -11.46 4.85
C ARG A 49 9.81 -11.85 3.62
N LEU A 50 8.93 -12.85 3.78
CA LEU A 50 8.09 -13.23 2.65
C LEU A 50 7.17 -12.09 2.23
N ALA A 51 6.56 -11.42 3.20
CA ALA A 51 5.68 -10.31 2.91
C ALA A 51 6.42 -9.17 2.25
N MET A 52 7.62 -8.86 2.74
CA MET A 52 8.49 -7.84 2.16
C MET A 52 8.78 -8.15 0.70
N LEU A 53 9.24 -9.37 0.43
CA LEU A 53 9.58 -9.73 -0.95
C LEU A 53 8.35 -9.63 -1.83
N ASN A 54 7.18 -10.07 -1.33
CA ASN A 54 5.96 -9.94 -2.14
C ASN A 54 5.63 -8.49 -2.44
N ALA A 55 5.78 -7.62 -1.44
CA ALA A 55 5.54 -6.20 -1.64
C ALA A 55 6.50 -5.59 -2.66
N LEU A 56 7.76 -6.00 -2.62
CA LEU A 56 8.77 -5.46 -3.53
C LEU A 56 8.48 -5.79 -4.97
N ILE A 57 7.77 -6.86 -5.24
CA ILE A 57 7.42 -7.21 -6.60
C ILE A 57 5.95 -6.99 -6.93
N SER A 58 5.26 -6.18 -6.12
CA SER A 58 3.85 -5.86 -6.34
C SER A 58 3.69 -4.67 -7.29
N TYR A 59 4.07 -4.88 -8.52
CA TYR A 59 4.02 -3.88 -9.60
C TYR A 59 3.67 -4.60 -10.90
N ARG A 60 3.15 -3.84 -11.88
CA ARG A 60 2.78 -4.40 -13.18
C ARG A 60 1.97 -5.68 -13.05
N LEU A 61 0.89 -5.56 -12.30
CA LEU A 61 0.02 -6.65 -11.95
C LEU A 61 -1.27 -6.68 -12.81
N THR A 62 -1.41 -5.80 -13.79
CA THR A 62 -2.53 -5.85 -14.73
C THR A 62 -3.86 -5.91 -14.00
N GLY A 63 -3.99 -5.09 -12.97
CA GLY A 63 -5.22 -4.96 -12.23
C GLY A 63 -5.53 -6.02 -11.19
N LYS A 64 -4.58 -6.89 -10.92
CA LYS A 64 -4.84 -8.06 -10.07
C LYS A 64 -4.17 -7.98 -8.70
N GLY A 65 -3.92 -6.77 -8.19
CA GLY A 65 -3.26 -6.66 -6.88
C GLY A 65 -3.97 -7.40 -5.75
N GLU A 66 -5.28 -7.27 -5.67
CA GLU A 66 -6.01 -7.94 -4.60
C GLU A 66 -5.90 -9.50 -4.65
N GLU A 67 -6.07 -10.03 -5.85
CA GLU A 67 -5.95 -11.46 -6.09
C GLU A 67 -4.55 -11.98 -5.79
N HIS A 68 -3.58 -11.17 -6.14
CA HIS A 68 -2.16 -11.44 -5.93
C HIS A 68 -1.88 -11.58 -4.42
N TRP A 69 -2.36 -10.65 -3.59
CA TRP A 69 -2.16 -10.79 -2.14
C TRP A 69 -2.93 -11.98 -1.57
N GLU A 70 -4.12 -12.23 -2.05
CA GLU A 70 -4.86 -13.39 -1.58
C GLU A 70 -4.10 -14.69 -1.93
N TYR A 71 -3.57 -14.76 -3.14
CA TYR A 71 -2.79 -15.90 -3.58
C TYR A 71 -1.53 -16.08 -2.73
N PHE A 72 -0.80 -14.98 -2.50
CA PHE A 72 0.35 -15.01 -1.61
C PHE A 72 0.03 -15.65 -0.26
N GLY A 73 -1.06 -15.19 0.35
CA GLY A 73 -1.42 -15.66 1.68
C GLY A 73 -1.74 -17.14 1.63
N LYS A 74 -2.53 -17.56 0.64
CA LYS A 74 -2.90 -18.98 0.54
C LYS A 74 -1.69 -19.83 0.25
N TYR A 75 -0.81 -19.35 -0.61
CA TYR A 75 0.35 -20.13 -1.04
C TYR A 75 1.25 -20.45 0.13
N PHE A 76 1.65 -19.42 0.87
CA PHE A 76 2.61 -19.63 1.94
C PHE A 76 2.00 -20.07 3.26
N SER A 77 0.71 -19.83 3.49
CA SER A 77 0.07 -20.25 4.76
C SER A 77 -0.03 -21.76 4.88
N GLN A 78 0.03 -22.46 3.75
CA GLN A 78 -0.17 -23.92 3.64
C GLN A 78 1.06 -24.68 3.15
N LEU A 79 2.22 -24.05 3.20
CA LEU A 79 3.43 -24.65 2.69
C LEU A 79 4.57 -24.42 3.64
N GLU A 80 5.34 -25.47 3.89
CA GLU A 80 6.57 -25.34 4.68
C GLU A 80 7.59 -24.57 3.86
N VAL A 81 8.28 -23.64 4.51
CA VAL A 81 9.35 -22.83 3.91
C VAL A 81 10.65 -23.26 4.57
N ILE A 82 11.64 -23.54 3.74
CA ILE A 82 12.95 -24.00 4.22
C ILE A 82 14.02 -22.99 3.83
N ASP A 83 14.33 -22.90 2.53
CA ASP A 83 15.26 -21.90 1.96
C ASP A 83 14.42 -20.80 1.39
N LEU A 84 14.34 -19.75 2.17
CA LEU A 84 13.39 -18.71 1.93
C LEU A 84 13.56 -18.09 0.51
N CYS A 85 14.78 -17.77 0.15
CA CYS A 85 15.04 -17.17 -1.16
C CYS A 85 14.62 -18.09 -2.29
N ARG A 86 15.05 -19.35 -2.24
CA ARG A 86 14.69 -20.32 -3.24
C ARG A 86 13.18 -20.54 -3.34
N ASP A 87 12.52 -20.61 -2.18
CA ASP A 87 11.10 -20.85 -2.13
C ASP A 87 10.37 -19.64 -2.70
N PHE A 88 10.86 -18.43 -2.44
CA PHE A 88 10.23 -17.25 -2.99
C PHE A 88 10.38 -17.18 -4.49
N LEU A 89 11.57 -17.47 -4.98
CA LEU A 89 11.78 -17.43 -6.41
C LEU A 89 10.88 -18.43 -7.12
N LYS A 90 10.71 -19.63 -6.56
CA LYS A 90 9.82 -20.63 -7.10
C LYS A 90 8.37 -20.11 -7.12
N TYR A 91 7.97 -19.44 -6.06
CA TYR A 91 6.63 -18.80 -5.99
C TYR A 91 6.46 -17.82 -7.13
N ILE A 92 7.47 -17.00 -7.39
CA ILE A 92 7.37 -16.00 -8.47
C ILE A 92 7.06 -16.70 -9.80
N GLU A 93 7.75 -17.81 -10.03
CA GLU A 93 7.58 -18.58 -11.26
C GLU A 93 6.21 -19.20 -11.38
N THR A 94 5.61 -19.54 -10.25
CA THR A 94 4.34 -20.26 -10.19
C THR A 94 3.11 -19.37 -10.25
N SER A 95 3.24 -18.15 -9.73
CA SER A 95 2.07 -17.31 -9.54
C SER A 95 1.43 -16.94 -10.87
N PRO A 96 0.11 -17.10 -10.97
CA PRO A 96 -0.63 -16.63 -12.13
C PRO A 96 -0.58 -15.13 -12.33
N PHE A 97 -0.16 -14.40 -11.31
CA PHE A 97 -0.29 -12.97 -11.30
C PHE A 97 0.99 -12.20 -11.63
N LEU A 98 2.12 -12.91 -11.72
CA LEU A 98 3.44 -12.32 -11.81
C LEU A 98 4.13 -12.58 -13.15
N LYS A 99 3.35 -12.95 -14.17
CA LYS A 99 3.92 -13.36 -15.45
C LYS A 99 4.59 -12.23 -16.23
N ILE A 100 4.11 -11.00 -16.11
CA ILE A 100 4.73 -9.88 -16.85
C ILE A 100 6.07 -9.60 -16.21
N GLY A 101 7.15 -9.62 -16.98
CA GLY A 101 8.47 -9.26 -16.47
C GLY A 101 8.97 -10.19 -15.38
N VAL A 102 8.66 -11.47 -15.51
CA VAL A 102 8.94 -12.41 -14.43
C VAL A 102 10.44 -12.49 -14.11
N GLU A 103 11.31 -12.38 -15.13
CA GLU A 103 12.75 -12.50 -14.87
C GLU A 103 13.27 -11.32 -14.05
N ALA A 104 12.77 -10.12 -14.32
CA ALA A 104 13.18 -8.94 -13.55
C ALA A 104 12.62 -8.96 -12.12
N ARG A 105 11.43 -9.54 -11.94
CA ARG A 105 10.90 -9.76 -10.60
C ARG A 105 11.84 -10.65 -9.83
N LYS A 106 12.28 -11.75 -10.45
CA LYS A 106 13.20 -12.67 -9.78
C LYS A 106 14.50 -11.93 -9.41
N LYS A 107 15.00 -11.11 -10.32
CA LYS A 107 16.24 -10.40 -10.05
C LYS A 107 16.09 -9.40 -8.91
N ARG A 108 14.95 -8.72 -8.83
CA ARG A 108 14.75 -7.80 -7.70
C ARG A 108 14.66 -8.56 -6.39
N ALA A 109 13.87 -9.62 -6.37
CA ALA A 109 13.74 -10.42 -5.18
C ALA A 109 15.11 -10.94 -4.76
N LEU A 110 15.90 -11.35 -5.74
CA LEU A 110 17.23 -11.85 -5.42
C LEU A 110 18.11 -10.82 -4.72
N LYS A 111 18.00 -9.55 -5.12
CA LYS A 111 18.76 -8.48 -4.49
C LYS A 111 18.41 -8.39 -3.00
N ALA A 112 17.14 -8.61 -2.67
CA ALA A 112 16.67 -8.48 -1.31
C ALA A 112 16.54 -9.80 -0.58
N CYS A 113 16.94 -10.90 -1.20
CA CYS A 113 16.62 -12.23 -0.67
C CYS A 113 17.11 -12.50 0.75
N ASP A 114 18.27 -11.99 1.09
CA ASP A 114 18.89 -12.24 2.39
C ASP A 114 18.72 -11.12 3.37
N TYR A 115 18.00 -10.07 2.98
CA TYR A 115 17.86 -8.91 3.79
C TYR A 115 16.76 -9.14 4.81
N VAL A 116 17.09 -8.87 6.06
CA VAL A 116 16.16 -9.02 7.15
C VAL A 116 15.71 -7.63 7.60
N PRO A 117 14.45 -7.26 7.38
CA PRO A 117 14.01 -5.91 7.74
C PRO A 117 13.99 -5.71 9.24
N ASN A 118 14.23 -4.48 9.67
CA ASN A 118 14.11 -4.12 11.09
C ASN A 118 12.75 -3.50 11.28
N LEU A 119 11.85 -4.27 11.88
CA LEU A 119 10.49 -3.85 12.05
C LEU A 119 10.31 -2.74 13.08
N GLU A 120 11.29 -2.52 13.95
CA GLU A 120 11.28 -1.45 14.92
C GLU A 120 12.08 -0.25 14.48
N ASP A 121 12.65 -0.27 13.28
CA ASP A 121 13.27 0.95 12.71
C ASP A 121 12.94 0.97 11.24
N LEU A 122 11.69 1.34 10.95
CA LEU A 122 11.23 1.34 9.57
C LEU A 122 11.90 2.41 8.71
N GLY A 123 12.33 3.51 9.32
CA GLY A 123 13.12 4.50 8.56
C GLY A 123 14.46 3.99 8.09
N LEU A 124 15.19 3.29 8.94
CA LEU A 124 16.44 2.68 8.52
C LEU A 124 16.15 1.57 7.49
N THR A 125 15.09 0.80 7.72
CA THR A 125 14.73 -0.23 6.78
C THR A 125 14.45 0.37 5.40
N LEU A 126 13.73 1.48 5.36
CA LEU A 126 13.41 2.13 4.09
C LEU A 126 14.72 2.59 3.40
N ARG A 127 15.62 3.19 4.18
CA ARG A 127 16.92 3.60 3.59
C ARG A 127 17.67 2.41 3.05
N GLN A 128 17.73 1.32 3.81
CA GLN A 128 18.42 0.13 3.35
C GLN A 128 17.80 -0.46 2.10
N LEU A 129 16.48 -0.57 2.08
CA LEU A 129 15.77 -1.05 0.90
C LEU A 129 16.07 -0.18 -0.32
N SER A 130 16.14 1.13 -0.15
CA SER A 130 16.41 2.01 -1.28
C SER A 130 17.75 1.67 -1.94
N HIS A 131 18.74 1.35 -1.11
CA HIS A 131 20.03 0.88 -1.64
C HIS A 131 19.96 -0.50 -2.28
N ILE A 132 19.22 -1.40 -1.67
CA ILE A 132 19.14 -2.76 -2.16
C ILE A 132 18.46 -2.85 -3.52
N VAL A 133 17.29 -2.21 -3.59
CA VAL A 133 16.43 -2.23 -4.79
C VAL A 133 16.88 -1.25 -5.85
N GLY A 134 17.50 -0.15 -5.41
CA GLY A 134 17.93 0.88 -6.31
C GLY A 134 16.79 1.79 -6.74
N ALA A 135 16.19 2.46 -5.78
CA ALA A 135 15.06 3.36 -6.03
C ALA A 135 15.08 4.46 -4.99
N ARG A 136 14.45 5.57 -5.32
CA ARG A 136 14.24 6.63 -4.37
C ARG A 136 13.40 6.14 -3.22
N ARG A 137 13.65 6.68 -2.04
CA ARG A 137 12.93 6.26 -0.84
C ARG A 137 11.44 6.51 -0.96
N GLU A 138 11.04 7.48 -1.78
CA GLU A 138 9.62 7.82 -1.93
C GLU A 138 8.91 7.00 -3.01
N GLN A 139 9.62 6.12 -3.69
CA GLN A 139 9.06 5.34 -4.77
C GLN A 139 7.97 4.40 -4.27
N LYS A 140 6.92 4.22 -5.08
CA LYS A 140 5.71 3.53 -4.63
C LYS A 140 5.98 2.19 -4.00
N THR A 141 6.78 1.37 -4.65
CA THR A 141 6.91 0.03 -4.15
C THR A 141 7.66 0.02 -2.79
N LEU A 142 8.60 0.94 -2.59
CA LEU A 142 9.32 0.99 -1.33
C LEU A 142 8.42 1.47 -0.20
N VAL A 143 7.69 2.56 -0.36
CA VAL A 143 6.83 3.01 0.73
C VAL A 143 5.70 2.01 0.99
N PHE A 144 5.18 1.37 -0.06
CA PHE A 144 4.21 0.30 0.12
C PHE A 144 4.79 -0.85 0.92
N THR A 145 6.06 -1.21 0.67
CA THR A 145 6.70 -2.24 1.44
C THR A 145 6.77 -1.89 2.92
N ILE A 146 7.03 -0.62 3.25
CA ILE A 146 7.00 -0.23 4.64
C ILE A 146 5.63 -0.44 5.27
N LYS A 147 4.57 -0.09 4.56
CA LYS A 147 3.22 -0.34 5.05
C LYS A 147 3.03 -1.85 5.35
N ILE A 148 3.43 -2.69 4.41
CA ILE A 148 3.26 -4.14 4.55
C ILE A 148 4.08 -4.64 5.75
N LEU A 149 5.28 -4.10 5.93
CA LEU A 149 6.07 -4.46 7.09
C LEU A 149 5.40 -4.04 8.39
N ASN A 150 4.71 -2.90 8.42
CA ASN A 150 3.96 -2.51 9.60
C ASN A 150 2.81 -3.47 9.84
N TYR A 151 2.17 -3.94 8.79
CA TYR A 151 1.13 -4.95 8.96
C TYR A 151 1.73 -6.20 9.63
N ALA A 152 2.87 -6.66 9.13
CA ALA A 152 3.53 -7.84 9.71
C ALA A 152 3.86 -7.63 11.17
N TYR A 153 4.35 -6.45 11.52
CA TYR A 153 4.70 -6.14 12.93
C TYR A 153 3.47 -6.13 13.82
N MET A 154 2.42 -5.43 13.38
CA MET A 154 1.19 -5.35 14.15
C MET A 154 0.57 -6.71 14.37
N CYS A 155 0.58 -7.55 13.34
CA CYS A 155 0.04 -8.88 13.48
C CYS A 155 0.87 -9.73 14.41
N SER A 156 2.18 -9.70 14.23
CA SER A 156 3.06 -10.53 15.03
C SER A 156 2.99 -10.19 16.50
N ARG A 157 3.05 -8.90 16.81
CA ARG A 157 3.18 -8.43 18.19
C ARG A 157 1.82 -8.20 18.85
N GLY A 158 0.74 -8.12 18.08
CA GLY A 158 -0.55 -7.80 18.62
C GLY A 158 -0.63 -6.41 19.16
N VAL A 159 -0.19 -5.44 18.38
CA VAL A 159 -0.15 -4.04 18.75
C VAL A 159 -0.64 -3.18 17.61
N ASN A 160 -1.04 -1.96 17.94
CA ASN A 160 -1.10 -0.87 16.98
C ASN A 160 0.22 -0.17 16.95
N ARG A 161 0.59 0.36 15.81
CA ARG A 161 1.74 1.23 15.71
C ARG A 161 1.50 2.18 14.56
N VAL A 162 1.46 3.46 14.86
CA VAL A 162 1.24 4.50 13.89
C VAL A 162 2.58 4.78 13.16
N LEU A 163 2.51 4.81 11.84
CA LEU A 163 3.65 5.10 11.00
C LEU A 163 4.06 6.56 11.02
N PRO A 164 5.30 6.85 10.63
CA PRO A 164 5.80 8.21 10.66
C PRO A 164 5.13 9.10 9.63
N PHE A 165 5.03 10.38 9.95
CA PHE A 165 4.56 11.36 8.96
C PHE A 165 5.50 11.52 7.78
N ASP A 166 6.78 11.27 7.98
CA ASP A 166 7.78 11.55 6.95
C ASP A 166 7.98 10.44 5.93
N ILE A 167 7.12 9.44 5.92
CA ILE A 167 7.13 8.43 4.84
C ILE A 167 5.87 8.68 4.03
N PRO A 168 6.02 9.04 2.76
CA PRO A 168 4.89 9.51 1.97
C PRO A 168 4.01 8.38 1.39
N ILE A 169 2.89 8.80 0.80
CA ILE A 169 1.89 7.85 0.33
C ILE A 169 2.38 7.13 -0.93
N PRO A 170 2.02 5.86 -1.16
CA PRO A 170 2.47 5.16 -2.37
C PRO A 170 1.59 5.57 -3.53
N VAL A 171 2.22 6.23 -4.50
CA VAL A 171 1.48 6.78 -5.61
C VAL A 171 1.57 5.82 -6.78
N ASP A 172 0.52 5.07 -7.00
CA ASP A 172 0.29 4.30 -8.23
C ASP A 172 -0.78 5.02 -9.06
N TYR A 173 -1.12 4.48 -10.24
CA TYR A 173 -2.08 5.16 -11.10
C TYR A 173 -3.40 5.35 -10.37
N ARG A 174 -3.82 4.35 -9.59
CA ARG A 174 -5.05 4.46 -8.83
C ARG A 174 -5.07 5.67 -7.90
N VAL A 175 -4.00 5.82 -7.11
CA VAL A 175 -3.94 6.96 -6.19
C VAL A 175 -3.89 8.26 -6.97
N ALA A 176 -3.19 8.27 -8.10
CA ALA A 176 -3.21 9.46 -8.96
C ALA A 176 -4.61 9.77 -9.44
N ARG A 177 -5.33 8.73 -9.89
CA ARG A 177 -6.71 8.92 -10.33
C ARG A 177 -7.59 9.47 -9.21
N LEU A 178 -7.47 8.91 -8.00
CA LEU A 178 -8.29 9.38 -6.88
C LEU A 178 -7.99 10.82 -6.54
N THR A 179 -6.72 11.21 -6.60
CA THR A 179 -6.34 12.57 -6.30
C THR A 179 -6.96 13.54 -7.31
N TRP A 180 -6.96 13.12 -8.58
CA TRP A 180 -7.60 13.90 -9.64
C TRP A 180 -9.12 13.92 -9.46
N CYS A 181 -9.74 12.78 -9.12
CA CYS A 181 -11.16 12.67 -8.96
C CYS A 181 -11.69 13.56 -7.83
N ALA A 182 -10.87 13.79 -6.81
CA ALA A 182 -11.19 14.68 -5.70
C ALA A 182 -10.92 16.15 -6.01
N GLY A 183 -10.39 16.44 -7.18
CA GLY A 183 -10.15 17.83 -7.58
C GLY A 183 -8.94 18.43 -6.90
N LEU A 184 -8.03 17.60 -6.40
CA LEU A 184 -6.87 18.11 -5.67
C LEU A 184 -5.72 18.52 -6.57
N ILE A 185 -5.72 17.99 -7.79
CA ILE A 185 -4.77 18.38 -8.85
C ILE A 185 -5.55 18.72 -10.10
N ASP A 186 -4.99 19.61 -10.90
CA ASP A 186 -5.64 20.07 -12.14
C ASP A 186 -4.94 19.49 -13.37
N PHE A 187 -3.92 18.67 -13.14
CA PHE A 187 -3.24 17.95 -14.21
C PHE A 187 -3.70 16.50 -14.18
N PRO A 188 -3.71 15.84 -15.34
CA PRO A 188 -4.31 14.51 -15.39
C PRO A 188 -3.54 13.40 -14.67
N PRO A 189 -4.18 12.28 -14.38
CA PRO A 189 -3.55 11.22 -13.62
C PRO A 189 -2.23 10.71 -14.18
N GLU A 190 -2.11 10.62 -15.50
CA GLU A 190 -0.89 10.17 -16.13
C GLU A 190 0.27 11.09 -15.79
N GLU A 191 0.02 12.38 -15.85
CA GLU A 191 1.04 13.38 -15.52
C GLU A 191 1.34 13.31 -14.03
N ALA A 192 0.28 13.22 -13.21
CA ALA A 192 0.43 13.09 -11.76
C ALA A 192 1.29 11.90 -11.37
N LEU A 193 1.11 10.78 -12.08
CA LEU A 193 1.90 9.60 -11.77
C LEU A 193 3.38 9.84 -12.06
N ARG A 194 3.67 10.52 -13.18
CA ARG A 194 5.02 10.95 -13.49
C ARG A 194 5.57 11.85 -12.38
N ARG A 195 4.78 12.85 -12.02
CA ARG A 195 5.12 13.84 -10.99
C ARG A 195 4.64 13.38 -9.62
N TYR A 196 4.99 12.16 -9.26
CA TYR A 196 4.39 11.57 -8.06
C TYR A 196 4.73 12.29 -6.80
N GLU A 197 5.85 12.98 -6.74
CA GLU A 197 6.16 13.79 -5.57
C GLU A 197 5.17 14.91 -5.33
N ALA A 198 4.61 15.49 -6.39
CA ALA A 198 3.60 16.51 -6.23
C ALA A 198 2.34 15.92 -5.58
N VAL A 199 1.97 14.71 -5.99
CA VAL A 199 0.87 14.03 -5.36
C VAL A 199 1.18 13.78 -3.86
N GLN A 200 2.38 13.28 -3.61
CA GLN A 200 2.76 13.05 -2.23
C GLN A 200 2.67 14.30 -1.38
N LYS A 201 3.07 15.44 -1.92
CA LYS A 201 3.01 16.69 -1.17
C LYS A 201 1.60 17.05 -0.76
N ILE A 202 0.64 16.81 -1.65
CA ILE A 202 -0.77 17.07 -1.32
C ILE A 202 -1.17 16.20 -0.14
N TRP A 203 -0.90 14.90 -0.22
CA TRP A 203 -1.35 14.02 0.86
C TRP A 203 -0.55 14.25 2.13
N ASP A 204 0.67 14.79 2.04
CA ASP A 204 1.40 15.20 3.23
C ASP A 204 0.68 16.38 3.94
N ALA A 205 0.15 17.33 3.17
CA ALA A 205 -0.64 18.43 3.76
C ALA A 205 -1.88 17.87 4.42
N VAL A 206 -2.55 16.93 3.77
CA VAL A 206 -3.73 16.30 4.37
C VAL A 206 -3.33 15.60 5.64
N ALA A 207 -2.22 14.87 5.62
CA ALA A 207 -1.76 14.13 6.79
C ALA A 207 -1.50 15.05 7.98
N ARG A 208 -0.79 16.13 7.73
CA ARG A 208 -0.45 17.03 8.81
C ARG A 208 -1.68 17.63 9.47
N GLU A 209 -2.66 17.98 8.65
CA GLU A 209 -3.82 18.67 9.14
C GLU A 209 -4.86 17.73 9.72
N THR A 210 -4.83 16.44 9.37
CA THR A 210 -5.78 15.48 9.91
C THR A 210 -5.21 14.63 11.05
N GLY A 211 -3.89 14.60 11.21
CA GLY A 211 -3.27 13.69 12.13
C GLY A 211 -3.15 12.24 11.67
N ILE A 212 -3.38 11.99 10.38
CA ILE A 212 -3.36 10.64 9.81
C ILE A 212 -2.16 10.54 8.86
N PRO A 213 -1.09 9.84 9.27
CA PRO A 213 0.08 9.81 8.42
C PRO A 213 -0.21 9.25 7.03
N PRO A 214 0.63 9.62 6.06
CA PRO A 214 0.35 9.18 4.67
C PRO A 214 0.11 7.70 4.44
N LEU A 215 0.88 6.82 5.09
CA LEU A 215 0.71 5.42 4.84
C LEU A 215 -0.57 4.89 5.46
N HIS A 216 -1.19 5.63 6.40
CA HIS A 216 -2.53 5.34 6.88
C HIS A 216 -3.59 5.98 6.00
N LEU A 217 -3.34 7.18 5.45
CA LEU A 217 -4.25 7.71 4.45
C LEU A 217 -4.39 6.72 3.30
N ASP A 218 -3.32 5.98 2.98
CA ASP A 218 -3.37 4.98 1.92
C ASP A 218 -4.49 3.99 2.17
N THR A 219 -4.71 3.60 3.42
CA THR A 219 -5.80 2.68 3.79
C THR A 219 -7.15 3.26 3.40
N LEU A 220 -7.35 4.52 3.74
CA LEU A 220 -8.59 5.19 3.37
C LEU A 220 -8.78 5.29 1.88
N LEU A 221 -7.71 5.58 1.13
CA LEU A 221 -7.82 5.61 -0.31
C LEU A 221 -8.10 4.24 -0.91
N TRP A 222 -7.60 3.17 -0.31
CA TRP A 222 -7.95 1.86 -0.80
C TRP A 222 -9.45 1.66 -0.69
N LEU A 223 -10.02 1.94 0.48
CA LEU A 223 -11.48 1.74 0.67
C LEU A 223 -12.29 2.65 -0.22
N ALA A 224 -11.90 3.90 -0.31
CA ALA A 224 -12.65 4.83 -1.14
C ALA A 224 -12.56 4.43 -2.60
N GLY A 225 -11.41 3.98 -3.04
CA GLY A 225 -11.22 3.54 -4.39
C GLY A 225 -12.05 2.35 -4.76
N ARG A 226 -12.19 1.39 -3.84
CA ARG A 226 -13.01 0.24 -4.10
C ARG A 226 -14.42 0.71 -4.36
N ALA A 227 -14.93 1.65 -3.58
CA ALA A 227 -16.29 2.14 -3.75
C ALA A 227 -16.48 2.96 -5.04
N VAL A 228 -15.60 3.94 -5.23
CA VAL A 228 -15.80 4.91 -6.27
C VAL A 228 -15.38 4.37 -7.64
N LEU A 229 -14.24 3.74 -7.75
CA LEU A 229 -13.75 3.29 -9.03
C LEU A 229 -14.38 1.98 -9.41
N TYR A 230 -14.54 1.07 -8.44
CA TYR A 230 -14.87 -0.33 -8.74
C TYR A 230 -16.28 -0.73 -8.34
N GLY A 231 -16.99 0.13 -7.61
CA GLY A 231 -18.36 -0.14 -7.23
C GLY A 231 -18.52 -1.17 -6.11
N GLU A 232 -17.48 -1.36 -5.31
CA GLU A 232 -17.46 -2.31 -4.18
C GLU A 232 -17.48 -1.47 -2.90
N ASN A 233 -18.64 -1.28 -2.30
CA ASN A 233 -18.76 -0.52 -1.08
C ASN A 233 -18.69 -1.44 0.12
N LEU A 234 -17.56 -1.40 0.79
CA LEU A 234 -17.29 -2.25 1.92
C LEU A 234 -17.78 -1.65 3.24
N HIS A 235 -18.23 -0.40 3.21
CA HIS A 235 -18.65 0.32 4.39
C HIS A 235 -17.52 0.48 5.41
N GLY A 236 -16.30 0.57 4.92
CA GLY A 236 -15.17 0.95 5.77
C GLY A 236 -15.01 2.45 5.95
N VAL A 237 -15.34 3.22 4.91
CA VAL A 237 -15.42 4.66 4.99
C VAL A 237 -16.84 5.07 4.76
N PRO A 238 -17.25 6.16 5.38
CA PRO A 238 -18.62 6.60 5.28
C PRO A 238 -18.93 7.32 4.00
N LYS A 239 -20.21 7.56 3.77
CA LYS A 239 -20.68 8.10 2.53
C LYS A 239 -19.98 9.42 2.20
N GLU A 240 -19.75 10.26 3.19
CA GLU A 240 -19.15 11.57 2.91
C GLU A 240 -17.69 11.49 2.45
N VAL A 241 -16.99 10.44 2.86
CA VAL A 241 -15.64 10.22 2.41
C VAL A 241 -15.63 9.74 0.96
N ILE A 242 -16.48 8.78 0.66
CA ILE A 242 -16.66 8.35 -0.72
C ILE A 242 -16.94 9.53 -1.63
N ALA A 243 -17.85 10.38 -1.19
CA ALA A 243 -18.29 11.50 -2.03
C ALA A 243 -17.12 12.44 -2.37
N LEU A 244 -16.11 12.53 -1.52
CA LEU A 244 -14.96 13.40 -1.83
C LEU A 244 -14.36 13.10 -3.18
N PHE A 245 -14.36 11.82 -3.51
CA PHE A 245 -13.66 11.30 -4.68
C PHE A 245 -14.55 11.19 -5.90
N GLN A 246 -15.72 11.84 -5.83
CA GLN A 246 -16.65 11.92 -6.92
C GLN A 246 -16.85 13.36 -7.39
N TRP A 247 -15.89 14.22 -7.11
CA TRP A 247 -15.99 15.62 -7.53
C TRP A 247 -15.98 15.80 -9.03
N ARG A 248 -15.10 15.09 -9.72
CA ARG A 248 -15.06 15.17 -11.17
C ARG A 248 -16.06 14.22 -11.84
N GLY A 249 -16.64 14.69 -12.94
CA GLY A 249 -17.75 14.02 -13.68
CA GLY A 249 -17.52 13.93 -13.79
C GLY A 249 -17.94 12.50 -13.78
C GLY A 249 -16.79 12.73 -14.28
N GLY A 250 -16.92 11.80 -14.28
N GLY A 250 -17.47 11.60 -14.18
CA GLY A 250 -16.93 10.34 -14.57
C GLY A 250 -16.30 9.51 -13.48
N CYS A 251 -16.04 10.13 -12.33
CA CYS A 251 -15.54 9.42 -11.18
C CYS A 251 -16.70 8.80 -10.45
N ARG A 252 -17.15 7.69 -11.01
CA ARG A 252 -18.37 6.99 -10.63
C ARG A 252 -18.12 5.52 -11.00
N PRO A 253 -18.67 4.53 -10.30
CA PRO A 253 -18.54 3.12 -10.73
C PRO A 253 -19.32 2.89 -12.03
N PRO A 254 -18.99 1.88 -12.87
CA PRO A 254 -19.88 1.50 -13.96
C PRO A 254 -21.11 0.75 -13.46
#